data_1ZH0
#
_entry.id   1ZH0
#
_cell.length_a   102.995
_cell.length_b   102.995
_cell.length_c   71.441
_cell.angle_alpha   90.00
_cell.angle_beta   90.00
_cell.angle_gamma   90.00
#
_symmetry.space_group_name_H-M   'P 43 21 2'
#
loop_
_entity.id
_entity.type
_entity.pdbx_description
1 polymer 'Tyrosyl-tRNA synthetase'
2 non-polymer BETA-(2-NAPHTHYL)-ALANINE
3 non-polymer 2-AMINO-2-HYDROXYMETHYL-PROPANE-1,3-DIOL
4 water water
#
_entity_poly.entity_id   1
_entity_poly.type   'polypeptide(L)'
_entity_poly.pdbx_seq_one_letter_code
;MDEFEMIKRNTSEIISEEELREVLKKDEKSALIGFEPSGKIHLGHYLQIKKMIDLQNAGFDIIILLADLHAYLNQKGELD
EIRKIGDYNKKVFEAMGLKAKYVYGSSFQLDKDYTLNVYRLALKTTLKRARRSMELIAREDENPKVAEVIYPIMQVNPAH
YQGVDVVVGGMEQRKIHMLARELLPKKVVCIHNPVLTGLDGEGKMSSSKGNFIAVDDSPEEIRAKIKKAYCPAGVVEGNP
IMEIAKYFLEYPLTIKRPEKFGGDLTVNSYEELESLFKNKELHPMDLKNAVAEELIKILEPIRKRLLEHHHHHH
;
_entity_poly.pdbx_strand_id   A
#
# COMPACT_ATOMS: atom_id res chain seq x y z
N MET A 1 -16.59 5.13 14.37
CA MET A 1 -15.17 5.28 14.78
C MET A 1 -14.85 6.77 14.97
N ASP A 2 -14.25 7.14 16.10
CA ASP A 2 -13.58 8.46 16.21
C ASP A 2 -12.39 8.52 15.21
N GLU A 3 -11.67 9.65 15.14
CA GLU A 3 -10.67 9.84 14.09
C GLU A 3 -9.60 8.78 14.19
N PHE A 4 -9.08 8.56 15.40
CA PHE A 4 -8.02 7.57 15.64
C PHE A 4 -8.45 6.16 15.17
N GLU A 5 -9.69 5.80 15.42
CA GLU A 5 -10.16 4.46 15.06
C GLU A 5 -10.35 4.34 13.54
N MET A 6 -10.81 5.42 12.89
CA MET A 6 -10.87 5.45 11.42
C MET A 6 -9.49 5.30 10.85
N ILE A 7 -8.50 5.91 11.49
CA ILE A 7 -7.12 5.82 10.97
C ILE A 7 -6.56 4.43 11.24
N LYS A 8 -6.76 3.93 12.45
CA LYS A 8 -6.33 2.59 12.88
C LYS A 8 -6.92 1.49 11.98
N ARG A 9 -8.16 1.67 11.52
CA ARG A 9 -8.89 0.62 10.77
C ARG A 9 -8.12 0.04 9.59
N ASN A 10 -8.05 -1.29 9.56
CA ASN A 10 -7.36 -2.03 8.54
C ASN A 10 -5.87 -1.79 8.46
N THR A 11 -5.24 -1.33 9.54
CA THR A 11 -3.79 -1.15 9.50
C THR A 11 -3.22 -2.32 10.24
N SER A 12 -1.97 -2.65 9.94
CA SER A 12 -1.31 -3.76 10.60
C SER A 12 -0.63 -3.33 11.87
N GLU A 13 -0.14 -2.10 11.88
CA GLU A 13 0.50 -1.53 13.04
C GLU A 13 0.62 0.00 12.98
N ILE A 14 0.63 0.62 14.16
CA ILE A 14 0.87 2.04 14.35
C ILE A 14 1.99 2.22 15.41
N ILE A 15 3.07 2.89 15.02
CA ILE A 15 4.21 3.14 15.90
C ILE A 15 4.34 4.63 16.15
N SER A 16 3.84 5.12 17.28
CA SER A 16 3.09 4.38 18.26
C SER A 16 1.70 5.00 18.31
N GLU A 17 0.75 4.26 18.83
CA GLU A 17 -0.62 4.76 18.97
C GLU A 17 -0.69 6.00 19.87
N GLU A 18 0.22 6.12 20.82
CA GLU A 18 0.18 7.23 21.76
C GLU A 18 0.95 8.43 21.18
N GLU A 19 1.95 8.23 20.32
CA GLU A 19 2.43 9.33 19.48
C GLU A 19 1.34 9.82 18.51
N LEU A 20 0.52 8.90 17.97
CA LEU A 20 -0.53 9.30 17.02
C LEU A 20 -1.57 10.20 17.67
N ARG A 21 -2.08 9.77 18.81
CA ARG A 21 -3.01 10.58 19.54
C ARG A 21 -2.43 11.96 19.81
N GLU A 22 -1.16 12.05 20.18
CA GLU A 22 -0.49 13.36 20.36
C GLU A 22 -0.60 14.21 19.07
N VAL A 23 -0.30 13.61 17.94
CA VAL A 23 -0.42 14.29 16.65
C VAL A 23 -1.82 14.72 16.30
N LEU A 24 -2.82 13.90 16.62
CA LEU A 24 -4.21 14.22 16.28
C LEU A 24 -4.66 15.50 16.96
N LYS A 25 -3.99 15.83 18.05
CA LYS A 25 -4.37 16.99 18.89
C LYS A 25 -3.98 18.32 18.25
N LYS A 26 -2.95 18.27 17.40
CA LYS A 26 -2.51 19.41 16.61
C LYS A 26 -3.52 19.69 15.51
N ASP A 27 -3.58 20.95 15.12
CA ASP A 27 -4.32 21.34 13.93
C ASP A 27 -3.73 20.98 12.64
N GLU A 28 -2.50 21.46 12.44
CA GLU A 28 -1.77 21.22 11.24
C GLU A 28 -0.95 19.95 11.47
N LYS A 29 -1.28 18.92 10.68
CA LYS A 29 -0.67 17.61 10.78
C LYS A 29 -0.38 17.23 9.36
N SER A 30 0.69 16.49 9.12
CA SER A 30 1.03 16.08 7.76
C SER A 30 1.49 14.65 7.72
N ALA A 31 1.14 13.90 6.66
CA ALA A 31 1.44 12.48 6.53
C ALA A 31 2.02 12.24 5.15
N LEU A 32 3.11 11.49 5.13
CA LEU A 32 3.85 11.14 3.92
C LEU A 32 3.72 9.68 3.56
N ILE A 33 3.63 9.35 2.26
CA ILE A 33 3.93 7.97 1.82
C ILE A 33 4.77 8.08 0.60
N GLY A 34 5.68 7.12 0.41
CA GLY A 34 6.51 7.10 -0.77
C GLY A 34 6.22 5.87 -1.57
N PHE A 35 6.28 5.99 -2.89
CA PHE A 35 6.09 4.83 -3.77
C PHE A 35 7.17 4.81 -4.82
N GLU A 36 7.86 3.68 -4.98
CA GLU A 36 8.63 3.46 -6.21
C GLU A 36 7.60 3.55 -7.31
N PRO A 37 7.74 4.48 -8.28
CA PRO A 37 6.68 4.48 -9.27
C PRO A 37 6.47 3.11 -9.95
N SER A 38 5.21 2.71 -10.07
CA SER A 38 4.84 1.43 -10.66
C SER A 38 4.07 1.64 -11.94
N GLY A 39 4.38 0.84 -12.98
CA GLY A 39 3.71 0.93 -14.29
C GLY A 39 2.21 0.74 -14.20
N LYS A 40 1.79 -0.23 -13.39
CA LYS A 40 0.40 -0.46 -13.09
C LYS A 40 0.18 -0.12 -11.65
N ILE A 41 -0.91 0.59 -11.36
CA ILE A 41 -1.34 0.84 -9.99
C ILE A 41 -2.44 -0.14 -9.65
N HIS A 42 -2.22 -0.89 -8.58
CA HIS A 42 -3.04 -2.04 -8.28
C HIS A 42 -3.69 -1.92 -6.94
N LEU A 43 -4.33 -2.99 -6.47
CA LEU A 43 -5.09 -2.95 -5.22
C LEU A 43 -4.17 -2.68 -4.02
N GLY A 44 -2.95 -3.23 -4.06
CA GLY A 44 -1.95 -2.88 -3.06
C GLY A 44 -1.69 -1.39 -2.90
N HIS A 45 -1.51 -0.67 -4.00
CA HIS A 45 -1.44 0.77 -3.91
C HIS A 45 -2.75 1.37 -3.44
N TYR A 46 -3.89 0.88 -3.95
CA TYR A 46 -5.19 1.43 -3.57
C TYR A 46 -5.42 1.31 -2.07
N LEU A 47 -5.03 0.18 -1.50
CA LEU A 47 -5.12 -0.01 -0.02
C LEU A 47 -4.43 1.10 0.69
N GLN A 48 -3.20 1.37 0.27
CA GLN A 48 -2.46 2.44 0.91
C GLN A 48 -3.05 3.83 0.65
N ILE A 49 -3.50 4.11 -0.57
CA ILE A 49 -4.08 5.43 -0.84
C ILE A 49 -5.37 5.64 -0.03
N LYS A 50 -6.14 4.58 0.14
CA LYS A 50 -7.34 4.68 0.96
C LYS A 50 -7.02 5.16 2.38
N LYS A 51 -5.90 4.66 2.92
CA LYS A 51 -5.44 5.05 4.24
C LYS A 51 -4.99 6.51 4.22
N MET A 52 -4.37 6.93 3.14
CA MET A 52 -3.95 8.34 3.02
C MET A 52 -5.22 9.18 3.04
N ILE A 53 -6.25 8.70 2.39
CA ILE A 53 -7.54 9.43 2.38
C ILE A 53 -8.16 9.48 3.77
N ASP A 54 -8.07 8.41 4.53
CA ASP A 54 -8.47 8.47 5.94
C ASP A 54 -7.78 9.61 6.69
N LEU A 55 -6.47 9.69 6.52
CA LEU A 55 -5.68 10.71 7.17
C LEU A 55 -6.10 12.09 6.69
N GLN A 56 -6.31 12.20 5.39
CA GLN A 56 -6.82 13.44 4.77
C GLN A 56 -8.16 13.85 5.42
N ASN A 57 -9.06 12.88 5.61
CA ASN A 57 -10.34 13.14 6.23
C ASN A 57 -10.20 13.56 7.68
N ALA A 58 -9.16 13.05 8.34
CA ALA A 58 -8.82 13.42 9.71
C ALA A 58 -8.06 14.75 9.80
N GLY A 59 -7.74 15.36 8.66
CA GLY A 59 -7.26 16.76 8.65
C GLY A 59 -5.77 16.90 8.46
N PHE A 60 -5.18 15.83 7.96
CA PHE A 60 -3.79 15.81 7.59
C PHE A 60 -3.61 16.34 6.19
N ASP A 61 -2.53 17.08 5.98
CA ASP A 61 -2.04 17.36 4.65
C ASP A 61 -1.25 16.16 4.21
N ILE A 62 -1.52 15.68 3.00
CA ILE A 62 -0.91 14.45 2.51
C ILE A 62 0.19 14.81 1.55
N ILE A 63 1.38 14.23 1.76
CA ILE A 63 2.47 14.31 0.79
C ILE A 63 2.76 12.94 0.18
N ILE A 64 2.76 12.87 -1.14
CA ILE A 64 3.15 11.63 -1.82
C ILE A 64 4.56 11.82 -2.42
N LEU A 65 5.55 11.04 -1.96
CA LEU A 65 6.85 11.07 -2.59
C LEU A 65 6.87 10.05 -3.73
N LEU A 66 7.11 10.56 -4.94
CA LEU A 66 7.30 9.70 -6.10
C LEU A 66 8.80 9.37 -6.14
N ALA A 67 9.13 8.17 -5.72
CA ALA A 67 10.48 7.81 -5.32
C ALA A 67 11.21 7.26 -6.49
N ASP A 68 11.41 8.11 -7.49
CA ASP A 68 12.01 7.65 -8.71
C ASP A 68 13.45 7.14 -8.51
N LEU A 69 14.21 7.84 -7.69
CA LEU A 69 15.62 7.51 -7.52
C LEU A 69 15.76 6.22 -6.74
N HIS A 70 14.94 6.05 -5.71
CA HIS A 70 14.89 4.77 -5.06
C HIS A 70 14.56 3.63 -6.02
N ALA A 71 13.65 3.94 -6.95
CA ALA A 71 13.24 2.95 -7.92
C ALA A 71 14.39 2.66 -8.91
N TYR A 72 15.08 3.72 -9.33
CA TYR A 72 16.36 3.56 -10.00
C TYR A 72 17.31 2.61 -9.23
N LEU A 73 17.57 2.92 -7.95
CA LEU A 73 18.51 2.11 -7.14
C LEU A 73 18.03 0.68 -7.00
N ASN A 74 16.70 0.53 -7.02
CA ASN A 74 16.10 -0.80 -6.90
C ASN A 74 15.79 -1.40 -8.27
N GLN A 75 16.59 -1.03 -9.28
CA GLN A 75 16.66 -1.67 -10.60
C GLN A 75 15.39 -1.67 -11.45
N LYS A 76 14.52 -0.71 -11.23
CA LYS A 76 13.30 -0.61 -12.03
C LYS A 76 13.49 0.11 -13.38
N GLY A 77 14.72 0.54 -13.68
CA GLY A 77 15.01 1.10 -15.01
C GLY A 77 15.80 2.39 -14.98
N GLU A 78 15.72 3.16 -16.08
CA GLU A 78 16.33 4.51 -16.17
C GLU A 78 15.46 5.62 -15.53
N LEU A 79 16.12 6.63 -14.98
CA LEU A 79 15.41 7.68 -14.23
C LEU A 79 14.30 8.40 -15.03
N ASP A 80 14.65 8.87 -16.23
CA ASP A 80 13.69 9.60 -17.07
C ASP A 80 12.42 8.76 -17.34
N GLU A 81 12.60 7.43 -17.52
CA GLU A 81 11.47 6.48 -17.70
C GLU A 81 10.67 6.29 -16.41
N ILE A 82 11.39 6.25 -15.29
CA ILE A 82 10.74 6.06 -13.98
C ILE A 82 9.93 7.29 -13.69
N ARG A 83 10.43 8.45 -14.12
CA ARG A 83 9.70 9.69 -13.92
C ARG A 83 8.36 9.71 -14.68
N LYS A 84 8.35 9.29 -15.94
CA LYS A 84 7.08 9.29 -16.67
C LYS A 84 6.06 8.38 -15.95
N ILE A 85 6.54 7.23 -15.48
CA ILE A 85 5.69 6.31 -14.77
C ILE A 85 5.16 6.97 -13.52
N GLY A 86 6.01 7.76 -12.85
CA GLY A 86 5.59 8.51 -11.67
C GLY A 86 4.48 9.50 -11.97
N ASP A 87 4.52 10.11 -13.14
CA ASP A 87 3.45 11.06 -13.53
C ASP A 87 2.14 10.35 -13.79
N TYR A 88 2.23 9.13 -14.30
CA TYR A 88 1.04 8.31 -14.48
C TYR A 88 0.43 8.03 -13.10
N ASN A 89 1.22 7.35 -12.26
CA ASN A 89 0.93 7.15 -10.85
C ASN A 89 0.21 8.31 -10.16
N LYS A 90 0.79 9.51 -10.24
CA LYS A 90 0.11 10.74 -9.81
C LYS A 90 -1.31 10.85 -10.33
N LYS A 91 -1.51 10.70 -11.65
CA LYS A 91 -2.87 10.76 -12.23
C LYS A 91 -3.84 9.76 -11.57
N VAL A 92 -3.35 8.55 -11.32
CA VAL A 92 -4.18 7.49 -10.76
C VAL A 92 -4.58 7.75 -9.31
N PHE A 93 -3.64 8.27 -8.53
CA PHE A 93 -3.92 8.61 -7.12
C PHE A 93 -4.97 9.72 -7.04
N GLU A 94 -4.86 10.74 -7.89
CA GLU A 94 -5.83 11.84 -7.93
C GLU A 94 -7.25 11.36 -8.35
N ALA A 95 -7.29 10.44 -9.32
CA ALA A 95 -8.52 9.73 -9.68
C ALA A 95 -9.14 9.01 -8.47
N MET A 96 -8.32 8.50 -7.57
CA MET A 96 -8.84 7.78 -6.39
C MET A 96 -9.53 8.71 -5.38
N GLY A 97 -9.42 10.02 -5.56
CA GLY A 97 -9.99 10.99 -4.63
C GLY A 97 -9.03 11.52 -3.57
N LEU A 98 -7.74 11.23 -3.70
CA LEU A 98 -6.76 11.79 -2.77
C LEU A 98 -6.47 13.20 -3.18
N LYS A 99 -6.53 14.10 -2.20
CA LYS A 99 -6.03 15.44 -2.35
C LYS A 99 -4.69 15.49 -1.63
N ALA A 100 -3.61 15.54 -2.39
CA ALA A 100 -2.27 15.49 -1.84
C ALA A 100 -1.36 16.37 -2.64
N LYS A 101 -0.19 16.62 -2.07
CA LYS A 101 0.93 17.31 -2.73
C LYS A 101 1.93 16.24 -3.15
N TYR A 102 2.55 16.43 -4.32
CA TYR A 102 3.41 15.41 -4.93
C TYR A 102 4.82 15.95 -5.08
N VAL A 103 5.77 15.16 -4.62
CA VAL A 103 7.17 15.52 -4.68
C VAL A 103 7.90 14.37 -5.38
N TYR A 104 8.80 14.73 -6.29
CA TYR A 104 9.64 13.79 -7.02
C TYR A 104 10.99 13.72 -6.36
N GLY A 105 11.43 12.50 -6.03
CA GLY A 105 12.69 12.28 -5.36
C GLY A 105 13.84 12.97 -6.08
N SER A 106 13.96 12.78 -7.36
CA SER A 106 15.11 13.33 -8.08
C SER A 106 15.18 14.85 -7.95
N SER A 107 14.04 15.51 -7.72
CA SER A 107 14.07 16.97 -7.61
C SER A 107 14.89 17.49 -6.41
N PHE A 108 15.04 16.66 -5.37
CA PHE A 108 15.85 17.07 -4.20
C PHE A 108 16.92 16.08 -3.75
N GLN A 109 16.87 14.83 -4.21
CA GLN A 109 17.73 13.81 -3.63
C GLN A 109 19.15 13.82 -4.15
N LEU A 110 19.46 14.76 -5.02
CA LEU A 110 20.81 14.94 -5.52
C LEU A 110 21.43 16.23 -5.02
N ASP A 111 20.74 16.91 -4.11
CA ASP A 111 21.25 18.15 -3.53
C ASP A 111 22.45 17.78 -2.66
N LYS A 112 23.42 18.68 -2.55
CA LYS A 112 24.63 18.42 -1.80
C LYS A 112 24.37 18.06 -0.33
N ASP A 113 23.46 18.76 0.33
CA ASP A 113 23.22 18.51 1.74
C ASP A 113 22.51 17.20 1.95
N TYR A 114 21.66 16.82 1.01
CA TYR A 114 20.97 15.53 1.06
C TYR A 114 22.01 14.43 0.96
N THR A 115 22.84 14.54 -0.06
CA THR A 115 23.90 13.56 -0.32
C THR A 115 24.81 13.48 0.90
N LEU A 116 25.18 14.62 1.46
CA LEU A 116 26.06 14.62 2.62
C LEU A 116 25.39 13.79 3.74
N ASN A 117 24.08 13.90 3.86
CA ASN A 117 23.30 13.11 4.85
C ASN A 117 23.16 11.64 4.52
N VAL A 118 23.13 11.31 3.26
CA VAL A 118 23.26 9.89 2.88
C VAL A 118 24.59 9.34 3.45
N TYR A 119 25.69 10.06 3.22
CA TYR A 119 27.02 9.63 3.67
C TYR A 119 27.12 9.60 5.17
N ARG A 120 26.58 10.62 5.84
CA ARG A 120 26.57 10.71 7.31
C ARG A 120 25.86 9.50 7.91
N LEU A 121 24.72 9.13 7.32
CA LEU A 121 23.89 8.06 7.85
C LEU A 121 24.42 6.71 7.41
N ALA A 122 25.16 6.66 6.32
CA ALA A 122 25.90 5.40 5.95
C ALA A 122 26.99 4.99 6.97
N LEU A 123 27.60 5.99 7.58
CA LEU A 123 28.52 5.79 8.70
C LEU A 123 27.81 5.29 9.97
N LYS A 124 26.52 5.54 10.12
CA LYS A 124 25.82 5.15 11.33
C LYS A 124 25.03 3.84 11.13
N THR A 125 24.97 3.33 9.91
CA THR A 125 24.10 2.19 9.61
C THR A 125 24.99 1.03 9.20
N THR A 126 24.84 -0.12 9.87
CA THR A 126 25.61 -1.26 9.53
C THR A 126 25.08 -1.91 8.26
N LEU A 127 25.96 -2.63 7.58
CA LEU A 127 25.64 -3.38 6.33
C LEU A 127 24.59 -4.43 6.68
N LYS A 128 24.76 -5.09 7.81
CA LYS A 128 23.85 -6.16 8.20
C LYS A 128 22.45 -5.64 8.40
N ARG A 129 22.34 -4.57 9.16
CA ARG A 129 21.07 -3.93 9.34
C ARG A 129 20.46 -3.43 8.03
N ALA A 130 21.26 -2.74 7.20
CA ALA A 130 20.81 -2.24 5.94
C ALA A 130 20.28 -3.34 5.08
N ARG A 131 21.01 -4.44 4.98
CA ARG A 131 20.57 -5.60 4.18
C ARG A 131 19.30 -6.21 4.80
N ARG A 132 19.30 -6.44 6.10
CA ARG A 132 18.09 -6.85 6.79
C ARG A 132 16.87 -6.00 6.46
N SER A 133 17.02 -4.69 6.43
CA SER A 133 15.87 -3.82 6.23
C SER A 133 15.27 -4.00 4.85
N MET A 134 16.05 -4.57 3.93
CA MET A 134 15.67 -4.64 2.49
C MET A 134 15.18 -6.00 2.06
N GLU A 135 15.20 -6.92 2.99
CA GLU A 135 14.81 -8.29 2.67
C GLU A 135 13.46 -8.40 1.92
N LEU A 136 12.50 -7.54 2.27
CA LEU A 136 11.17 -7.58 1.65
C LEU A 136 11.00 -6.59 0.49
N ILE A 137 12.03 -5.79 0.22
CA ILE A 137 12.00 -4.67 -0.72
C ILE A 137 12.91 -4.88 -1.92
N ALA A 138 14.08 -5.43 -1.67
CA ALA A 138 15.08 -5.56 -2.73
C ALA A 138 14.56 -6.36 -3.92
N ARG A 139 14.76 -5.84 -5.13
CA ARG A 139 14.65 -6.62 -6.37
C ARG A 139 15.35 -7.97 -6.21
N GLU A 140 14.79 -9.03 -6.78
CA GLU A 140 15.47 -10.34 -6.76
C GLU A 140 16.82 -10.20 -7.49
N ASP A 141 17.91 -10.64 -6.85
CA ASP A 141 19.27 -10.53 -7.42
C ASP A 141 20.20 -11.59 -6.85
N GLU A 142 20.79 -12.38 -7.73
CA GLU A 142 21.71 -13.41 -7.32
C GLU A 142 23.03 -12.84 -6.85
N ASN A 143 23.26 -11.58 -7.22
CA ASN A 143 24.52 -10.92 -6.96
C ASN A 143 24.27 -9.54 -6.44
N PRO A 144 23.76 -9.44 -5.20
CA PRO A 144 23.24 -8.19 -4.68
C PRO A 144 24.24 -7.07 -4.77
N LYS A 145 23.73 -5.91 -5.17
CA LYS A 145 24.53 -4.77 -5.49
C LYS A 145 24.62 -3.82 -4.35
N VAL A 146 25.62 -2.94 -4.45
CA VAL A 146 25.82 -1.93 -3.42
C VAL A 146 24.59 -1.03 -3.35
N ALA A 147 23.94 -0.81 -4.47
CA ALA A 147 22.69 -0.03 -4.52
C ALA A 147 21.68 -0.45 -3.49
N GLU A 148 21.65 -1.73 -3.18
CA GLU A 148 20.69 -2.30 -2.22
C GLU A 148 20.78 -1.72 -0.81
N VAL A 149 22.00 -1.44 -0.39
CA VAL A 149 22.24 -0.91 0.96
C VAL A 149 22.25 0.58 0.98
N ILE A 150 22.43 1.21 -0.17
CA ILE A 150 22.23 2.66 -0.30
C ILE A 150 20.74 3.06 -0.18
N TYR A 151 19.90 2.28 -0.80
CA TYR A 151 18.45 2.50 -0.76
C TYR A 151 17.88 2.78 0.61
N PRO A 152 18.10 1.91 1.60
CA PRO A 152 17.47 2.24 2.89
C PRO A 152 18.07 3.45 3.62
N ILE A 153 19.35 3.76 3.39
CA ILE A 153 19.91 4.93 4.05
C ILE A 153 19.34 6.16 3.40
N MET A 154 19.10 6.11 2.09
CA MET A 154 18.42 7.20 1.44
C MET A 154 17.03 7.36 1.96
N GLN A 155 16.35 6.25 2.24
CA GLN A 155 14.93 6.34 2.64
C GLN A 155 14.75 6.93 4.04
N VAL A 156 15.85 6.96 4.79
CA VAL A 156 15.93 7.42 6.19
C VAL A 156 16.49 8.86 6.22
N ASN A 157 16.71 9.45 5.06
CA ASN A 157 17.33 10.75 4.99
C ASN A 157 16.41 11.79 5.63
N PRO A 158 16.94 12.68 6.49
CA PRO A 158 16.06 13.62 7.16
C PRO A 158 15.22 14.51 6.28
N ALA A 159 15.64 14.81 5.06
CA ALA A 159 14.89 15.64 4.15
C ALA A 159 13.50 15.08 3.91
N HIS A 160 13.33 13.77 3.98
CA HIS A 160 12.02 13.20 3.73
C HIS A 160 11.01 13.44 4.85
N TYR A 161 11.50 13.69 6.05
CA TYR A 161 10.65 13.72 7.25
C TYR A 161 10.49 15.11 7.78
N GLN A 162 11.14 16.07 7.13
CA GLN A 162 11.12 17.45 7.60
C GLN A 162 9.67 17.91 7.54
N GLY A 163 9.14 18.32 8.68
CA GLY A 163 7.77 18.75 8.78
C GLY A 163 6.71 17.67 8.68
N VAL A 164 7.06 16.40 8.70
CA VAL A 164 6.01 15.38 8.57
C VAL A 164 5.79 14.67 9.88
N ASP A 165 4.52 14.56 10.23
CA ASP A 165 4.17 13.97 11.50
C ASP A 165 4.08 12.47 11.42
N VAL A 166 3.63 11.96 10.28
CA VAL A 166 3.29 10.53 10.15
C VAL A 166 3.83 10.07 8.83
N VAL A 167 4.42 8.86 8.80
CA VAL A 167 4.75 8.19 7.54
C VAL A 167 3.98 6.89 7.42
N VAL A 168 3.45 6.65 6.23
CA VAL A 168 2.63 5.48 5.94
C VAL A 168 3.35 4.63 4.94
N GLY A 169 3.29 3.33 5.11
CA GLY A 169 3.71 2.39 4.13
C GLY A 169 3.31 1.00 4.50
N GLY A 170 3.63 0.03 3.65
CA GLY A 170 3.29 -1.34 3.96
C GLY A 170 4.21 -1.94 4.98
N MET A 171 3.80 -3.07 5.52
CA MET A 171 4.60 -3.78 6.54
C MET A 171 6.00 -4.12 6.03
N GLU A 172 6.19 -4.23 4.72
CA GLU A 172 7.53 -4.51 4.19
C GLU A 172 8.54 -3.37 4.44
N GLN A 173 8.04 -2.14 4.62
CA GLN A 173 8.83 -0.98 5.00
C GLN A 173 9.21 -0.89 6.48
N ARG A 174 8.68 -1.75 7.36
CA ARG A 174 8.79 -1.48 8.79
C ARG A 174 10.22 -1.38 9.30
N LYS A 175 11.13 -2.24 8.84
CA LYS A 175 12.51 -2.20 9.32
C LYS A 175 13.22 -0.93 8.88
N ILE A 176 12.96 -0.48 7.66
CA ILE A 176 13.49 0.81 7.26
C ILE A 176 12.92 1.90 8.16
N HIS A 177 11.59 1.88 8.37
CA HIS A 177 10.96 2.87 9.27
C HIS A 177 11.54 2.81 10.67
N MET A 178 11.87 1.63 11.18
CA MET A 178 12.44 1.55 12.53
C MET A 178 13.83 2.20 12.56
N LEU A 179 14.56 2.07 11.46
CA LEU A 179 15.86 2.71 11.33
C LEU A 179 15.74 4.22 11.34
N ALA A 180 14.79 4.75 10.61
CA ALA A 180 14.54 6.21 10.63
C ALA A 180 14.20 6.69 12.05
N ARG A 181 13.39 5.90 12.72
CA ARG A 181 12.97 6.25 14.06
C ARG A 181 14.16 6.26 15.02
N GLU A 182 15.13 5.40 14.78
CA GLU A 182 16.37 5.45 15.52
C GLU A 182 17.31 6.59 15.12
N LEU A 183 17.41 6.92 13.83
CA LEU A 183 18.48 7.80 13.35
C LEU A 183 18.08 9.26 13.24
N LEU A 184 16.80 9.57 13.17
CA LEU A 184 16.42 10.96 12.99
C LEU A 184 16.31 11.70 14.30
N PRO A 185 16.49 13.03 14.27
CA PRO A 185 16.24 13.98 15.34
C PRO A 185 14.88 13.80 16.00
N LYS A 186 13.88 13.57 15.14
CA LYS A 186 12.47 13.59 15.52
C LYS A 186 11.93 12.22 15.19
N LYS A 187 11.20 11.61 16.11
CA LYS A 187 10.53 10.33 15.84
C LYS A 187 9.22 10.63 15.14
N VAL A 188 9.03 10.02 13.98
CA VAL A 188 7.84 10.19 13.21
C VAL A 188 6.96 8.99 13.50
N VAL A 189 5.65 9.19 13.53
CA VAL A 189 4.68 8.11 13.70
C VAL A 189 4.63 7.27 12.41
N CYS A 190 4.76 5.97 12.56
CA CYS A 190 4.66 5.05 11.45
C CYS A 190 3.35 4.38 11.50
N ILE A 191 2.64 4.39 10.37
CA ILE A 191 1.39 3.67 10.26
C ILE A 191 1.69 2.64 9.16
N HIS A 192 1.50 1.36 9.46
CA HIS A 192 1.81 0.33 8.46
C HIS A 192 0.59 -0.42 8.01
N ASN A 193 0.46 -0.51 6.69
CA ASN A 193 -0.62 -1.25 6.07
C ASN A 193 -0.23 -2.67 5.79
N PRO A 194 -1.21 -3.57 5.76
CA PRO A 194 -0.96 -4.94 5.35
C PRO A 194 -0.60 -5.07 3.90
N VAL A 195 0.08 -6.15 3.59
CA VAL A 195 0.63 -6.38 2.27
C VAL A 195 -0.27 -7.39 1.66
N LEU A 196 -0.84 -7.08 0.49
CA LEU A 196 -1.84 -7.96 -0.13
C LEU A 196 -1.20 -9.17 -0.74
N THR A 197 -1.90 -10.28 -0.67
CA THR A 197 -1.50 -11.50 -1.33
C THR A 197 -1.82 -11.44 -2.83
N GLY A 198 -0.97 -12.09 -3.62
CA GLY A 198 -1.12 -12.13 -5.07
C GLY A 198 -2.41 -12.83 -5.40
N LEU A 199 -2.90 -12.66 -6.63
CA LEU A 199 -4.09 -13.39 -7.07
C LEU A 199 -3.78 -14.88 -7.09
N ASP A 200 -2.57 -15.22 -7.56
CA ASP A 200 -2.14 -16.62 -7.61
C ASP A 200 -1.85 -17.21 -6.22
N GLY A 201 -1.55 -16.34 -5.26
CA GLY A 201 -1.57 -16.73 -3.85
C GLY A 201 -0.25 -17.13 -3.21
N GLU A 202 0.86 -17.10 -3.95
CA GLU A 202 2.13 -17.47 -3.33
C GLU A 202 2.70 -16.29 -2.54
N GLY A 203 3.15 -15.27 -3.26
CA GLY A 203 3.80 -14.14 -2.65
C GLY A 203 2.83 -12.99 -2.51
N LYS A 204 3.35 -11.78 -2.74
CA LYS A 204 2.60 -10.54 -2.60
C LYS A 204 2.27 -9.98 -3.97
N MET A 205 1.25 -9.13 -4.01
CA MET A 205 0.77 -8.52 -5.25
C MET A 205 1.80 -7.54 -5.78
N SER A 206 2.16 -7.67 -7.06
CA SER A 206 3.24 -6.87 -7.64
C SER A 206 3.02 -6.60 -9.13
N SER A 207 3.32 -5.37 -9.55
CA SER A 207 3.19 -4.96 -10.95
C SER A 207 4.07 -5.78 -11.89
N SER A 208 5.24 -6.20 -11.41
CA SER A 208 6.21 -6.91 -12.24
C SER A 208 5.98 -8.42 -12.30
N LYS A 209 4.97 -8.89 -11.57
CA LYS A 209 4.75 -10.32 -11.33
C LYS A 209 3.43 -10.90 -11.90
N GLY A 210 2.55 -10.03 -12.40
CA GLY A 210 1.36 -10.45 -13.16
C GLY A 210 0.31 -11.11 -12.30
N ASN A 211 0.23 -10.70 -11.04
CA ASN A 211 -0.71 -11.27 -10.08
C ASN A 211 -1.53 -10.17 -9.42
N PHE A 212 -1.84 -9.14 -10.19
CA PHE A 212 -2.47 -7.96 -9.63
C PHE A 212 -3.79 -7.67 -10.31
N ILE A 213 -4.64 -6.91 -9.63
CA ILE A 213 -5.76 -6.25 -10.26
C ILE A 213 -5.42 -4.78 -10.26
N ALA A 214 -5.28 -4.20 -11.45
CA ALA A 214 -5.01 -2.77 -11.59
C ALA A 214 -6.33 -2.04 -11.44
N VAL A 215 -6.32 -0.88 -10.79
CA VAL A 215 -7.56 -0.14 -10.49
C VAL A 215 -8.31 0.32 -11.76
N ASP A 216 -7.57 0.36 -12.88
CA ASP A 216 -8.09 0.68 -14.20
C ASP A 216 -8.40 -0.53 -15.06
N ASP A 217 -8.20 -1.75 -14.55
CA ASP A 217 -8.63 -2.95 -15.29
C ASP A 217 -10.12 -2.89 -15.64
N SER A 218 -10.45 -3.37 -16.82
CA SER A 218 -11.83 -3.36 -17.26
C SER A 218 -12.59 -4.40 -16.48
N PRO A 219 -13.91 -4.26 -16.39
CA PRO A 219 -14.78 -5.28 -15.79
C PRO A 219 -14.48 -6.69 -16.29
N GLU A 220 -14.31 -6.85 -17.58
CA GLU A 220 -14.01 -8.15 -18.13
C GLU A 220 -12.72 -8.74 -17.54
N GLU A 221 -11.69 -7.92 -17.41
CA GLU A 221 -10.37 -8.41 -16.97
C GLU A 221 -10.39 -8.71 -15.48
N ILE A 222 -11.10 -7.89 -14.72
CA ILE A 222 -11.30 -8.12 -13.30
C ILE A 222 -11.97 -9.46 -13.04
N ARG A 223 -13.04 -9.79 -13.77
CA ARG A 223 -13.70 -11.11 -13.67
C ARG A 223 -12.77 -12.28 -13.98
N ALA A 224 -12.09 -12.19 -15.12
CA ALA A 224 -11.16 -13.22 -15.54
C ALA A 224 -10.05 -13.38 -14.50
N LYS A 225 -9.55 -12.27 -13.96
CA LYS A 225 -8.52 -12.29 -12.92
C LYS A 225 -9.01 -12.97 -11.63
N ILE A 226 -10.19 -12.57 -11.16
CA ILE A 226 -10.78 -13.12 -9.94
C ILE A 226 -11.31 -14.53 -10.13
N LYS A 227 -11.59 -14.89 -11.39
CA LYS A 227 -11.94 -16.27 -11.75
C LYS A 227 -10.76 -17.21 -11.46
N LYS A 228 -9.60 -16.89 -12.05
CA LYS A 228 -8.35 -17.68 -11.88
C LYS A 228 -7.64 -17.51 -10.52
N ALA A 229 -8.16 -16.61 -9.68
CA ALA A 229 -7.54 -16.35 -8.37
C ALA A 229 -7.59 -17.53 -7.40
N TYR A 230 -6.54 -17.67 -6.61
CA TYR A 230 -6.47 -18.65 -5.53
C TYR A 230 -7.51 -18.29 -4.45
N CYS A 231 -8.20 -19.28 -3.91
CA CYS A 231 -9.32 -19.01 -2.99
C CYS A 231 -9.97 -20.32 -2.52
N PRO A 232 -9.35 -21.03 -1.56
CA PRO A 232 -9.88 -22.30 -1.04
C PRO A 232 -11.03 -22.16 -0.05
N ALA A 233 -11.89 -23.17 0.01
CA ALA A 233 -13.03 -23.13 0.92
C ALA A 233 -12.55 -23.27 2.36
N GLY A 234 -13.05 -22.41 3.24
CA GLY A 234 -12.73 -22.48 4.66
C GLY A 234 -11.36 -21.94 5.06
N VAL A 235 -10.53 -21.61 4.06
CA VAL A 235 -9.15 -21.17 4.27
C VAL A 235 -9.07 -19.66 4.15
N VAL A 236 -9.04 -18.97 5.28
CA VAL A 236 -9.06 -17.51 5.29
C VAL A 236 -7.65 -16.92 5.14
N GLU A 237 -6.64 -17.64 5.63
CA GLU A 237 -5.25 -17.20 5.54
C GLU A 237 -4.75 -17.18 4.09
N GLY A 238 -4.05 -16.11 3.72
CA GLY A 238 -3.47 -15.97 2.37
C GLY A 238 -4.47 -16.02 1.20
N ASN A 239 -5.75 -15.92 1.48
CA ASN A 239 -6.81 -15.90 0.48
C ASN A 239 -6.98 -14.46 -0.04
N PRO A 240 -6.52 -14.17 -1.28
CA PRO A 240 -6.61 -12.81 -1.79
C PRO A 240 -8.05 -12.31 -1.93
N ILE A 241 -8.97 -13.23 -2.17
CA ILE A 241 -10.34 -12.84 -2.41
C ILE A 241 -10.98 -12.39 -1.11
N MET A 242 -10.63 -13.03 0.00
CA MET A 242 -11.12 -12.60 1.31
C MET A 242 -10.47 -11.29 1.75
N GLU A 243 -9.21 -11.10 1.35
CA GLU A 243 -8.46 -9.85 1.55
C GLU A 243 -9.17 -8.74 0.82
N ILE A 244 -9.51 -8.99 -0.45
CA ILE A 244 -10.25 -8.00 -1.21
C ILE A 244 -11.56 -7.64 -0.50
N ALA A 245 -12.28 -8.66 -0.07
CA ALA A 245 -13.51 -8.45 0.71
C ALA A 245 -13.28 -7.64 2.00
N LYS A 246 -12.17 -7.90 2.69
CA LYS A 246 -11.85 -7.21 3.94
C LYS A 246 -11.47 -5.77 3.69
N TYR A 247 -10.63 -5.50 2.67
CA TYR A 247 -10.05 -4.17 2.54
C TYR A 247 -10.78 -3.20 1.62
N PHE A 248 -11.53 -3.72 0.65
CA PHE A 248 -12.16 -2.87 -0.38
C PHE A 248 -13.67 -2.76 -0.33
N LEU A 249 -14.35 -3.78 0.18
CA LEU A 249 -15.80 -3.89 0.08
C LEU A 249 -16.56 -3.17 1.21
N GLU A 250 -17.72 -2.58 0.86
CA GLU A 250 -18.58 -1.93 1.83
C GLU A 250 -19.56 -2.97 2.34
N TYR A 251 -19.80 -2.94 3.65
CA TYR A 251 -20.79 -3.82 4.30
C TYR A 251 -21.94 -2.98 4.86
N PRO A 252 -23.17 -3.53 4.92
CA PRO A 252 -23.52 -4.89 4.57
C PRO A 252 -23.39 -5.16 3.08
N LEU A 253 -23.01 -6.40 2.78
CA LEU A 253 -22.71 -6.87 1.44
C LEU A 253 -23.75 -7.91 1.08
N THR A 254 -24.49 -7.69 0.00
CA THR A 254 -25.53 -8.63 -0.39
C THR A 254 -24.98 -9.54 -1.49
N ILE A 255 -24.49 -10.71 -1.07
CA ILE A 255 -23.98 -11.72 -1.98
C ILE A 255 -25.11 -12.36 -2.77
N LYS A 256 -24.92 -12.46 -4.09
CA LYS A 256 -25.89 -13.11 -4.98
C LYS A 256 -25.62 -14.62 -5.02
N ARG A 257 -26.70 -15.39 -5.05
CA ARG A 257 -26.65 -16.85 -5.15
C ARG A 257 -27.93 -17.36 -5.77
N PRO A 258 -27.83 -18.37 -6.63
CA PRO A 258 -29.02 -19.10 -7.02
C PRO A 258 -29.77 -19.69 -5.82
N GLU A 259 -31.08 -19.86 -5.96
CA GLU A 259 -31.88 -20.51 -4.92
C GLU A 259 -31.40 -21.94 -4.63
N LYS A 260 -30.92 -22.67 -5.66
CA LYS A 260 -30.47 -24.05 -5.47
C LYS A 260 -29.14 -24.20 -4.74
N PHE A 261 -28.50 -23.09 -4.38
CA PHE A 261 -27.35 -23.08 -3.46
C PHE A 261 -27.57 -22.04 -2.36
N GLY A 262 -28.74 -22.04 -1.74
CA GLY A 262 -28.99 -21.21 -0.55
C GLY A 262 -29.55 -19.81 -0.75
N GLY A 263 -29.65 -19.33 -1.99
CA GLY A 263 -30.20 -18.00 -2.26
C GLY A 263 -29.31 -16.82 -1.85
N ASP A 264 -29.75 -15.61 -2.22
CA ASP A 264 -28.98 -14.39 -2.01
C ASP A 264 -28.78 -14.13 -0.53
N LEU A 265 -27.55 -13.77 -0.17
CA LEU A 265 -27.16 -13.65 1.22
C LEU A 265 -26.82 -12.21 1.59
N THR A 266 -26.99 -11.89 2.87
CA THR A 266 -26.58 -10.59 3.39
C THR A 266 -25.61 -10.83 4.54
N VAL A 267 -24.43 -10.21 4.43
CA VAL A 267 -23.45 -10.21 5.52
C VAL A 267 -23.23 -8.74 5.92
N ASN A 268 -23.40 -8.46 7.21
CA ASN A 268 -23.36 -7.08 7.72
C ASN A 268 -21.97 -6.67 8.18
N SER A 269 -21.00 -7.59 8.13
CA SER A 269 -19.62 -7.27 8.44
C SER A 269 -18.68 -8.28 7.80
N TYR A 270 -17.42 -7.89 7.64
CA TYR A 270 -16.38 -8.79 7.19
C TYR A 270 -16.15 -9.92 8.21
N GLU A 271 -16.37 -9.61 9.48
CA GLU A 271 -16.38 -10.62 10.52
C GLU A 271 -17.38 -11.75 10.17
N GLU A 272 -18.60 -11.39 9.82
CA GLU A 272 -19.65 -12.35 9.43
C GLU A 272 -19.29 -13.13 8.15
N LEU A 273 -18.79 -12.40 7.15
CA LEU A 273 -18.30 -13.02 5.93
C LEU A 273 -17.23 -14.08 6.24
N GLU A 274 -16.27 -13.72 7.07
CA GLU A 274 -15.19 -14.63 7.47
C GLU A 274 -15.68 -15.95 8.11
N SER A 275 -16.63 -15.88 9.04
CA SER A 275 -17.13 -17.09 9.72
C SER A 275 -17.94 -17.96 8.76
N LEU A 276 -18.86 -17.32 8.03
CA LEU A 276 -19.67 -18.00 7.01
C LEU A 276 -18.78 -18.76 6.03
N PHE A 277 -17.62 -18.18 5.72
CA PHE A 277 -16.69 -18.76 4.77
C PHE A 277 -15.84 -19.85 5.42
N LYS A 278 -15.36 -19.57 6.63
CA LYS A 278 -14.47 -20.48 7.35
C LYS A 278 -15.26 -21.68 7.86
N ASN A 279 -16.57 -21.53 8.00
CA ASN A 279 -17.46 -22.63 8.34
C ASN A 279 -17.85 -23.46 7.09
N LYS A 280 -17.24 -23.16 5.94
CA LYS A 280 -17.60 -23.79 4.66
C LYS A 280 -19.11 -23.65 4.32
N GLU A 281 -19.67 -22.48 4.67
CA GLU A 281 -21.06 -22.15 4.32
C GLU A 281 -21.18 -21.15 3.15
N LEU A 282 -20.07 -20.51 2.77
CA LEU A 282 -19.99 -19.70 1.55
C LEU A 282 -18.87 -20.28 0.69
N HIS A 283 -19.22 -20.78 -0.49
CA HIS A 283 -18.29 -21.42 -1.41
C HIS A 283 -17.51 -20.35 -2.18
N PRO A 284 -16.22 -20.59 -2.48
CA PRO A 284 -15.39 -19.70 -3.32
C PRO A 284 -16.07 -19.07 -4.53
N MET A 285 -16.76 -19.87 -5.34
CA MET A 285 -17.43 -19.35 -6.52
C MET A 285 -18.34 -18.19 -6.18
N ASP A 286 -19.11 -18.33 -5.11
CA ASP A 286 -20.08 -17.32 -4.72
C ASP A 286 -19.41 -16.09 -4.17
N LEU A 287 -18.34 -16.30 -3.42
CA LEU A 287 -17.58 -15.20 -2.88
C LEU A 287 -16.93 -14.48 -4.07
N LYS A 288 -16.25 -15.25 -4.93
CA LYS A 288 -15.61 -14.71 -6.15
C LYS A 288 -16.55 -13.84 -6.99
N ASN A 289 -17.75 -14.34 -7.25
CA ASN A 289 -18.74 -13.59 -8.04
C ASN A 289 -19.10 -12.27 -7.36
N ALA A 290 -19.17 -12.28 -6.03
CA ALA A 290 -19.61 -11.12 -5.28
C ALA A 290 -18.49 -10.07 -5.19
N VAL A 291 -17.26 -10.54 -5.05
CA VAL A 291 -16.11 -9.67 -4.94
C VAL A 291 -15.80 -9.02 -6.28
N ALA A 292 -15.80 -9.81 -7.34
CA ALA A 292 -15.61 -9.26 -8.67
C ALA A 292 -16.60 -8.12 -9.00
N GLU A 293 -17.88 -8.32 -8.69
CA GLU A 293 -18.91 -7.37 -9.04
C GLU A 293 -18.86 -6.11 -8.16
N GLU A 294 -18.65 -6.29 -6.87
CA GLU A 294 -18.53 -5.14 -5.99
C GLU A 294 -17.24 -4.36 -6.30
N LEU A 295 -16.17 -5.06 -6.64
CA LEU A 295 -14.91 -4.40 -7.05
C LEU A 295 -15.04 -3.53 -8.29
N ILE A 296 -15.61 -4.10 -9.33
CA ILE A 296 -15.95 -3.36 -10.55
C ILE A 296 -16.66 -2.06 -10.18
N LYS A 297 -17.68 -2.14 -9.32
CA LYS A 297 -18.40 -0.94 -8.88
C LYS A 297 -17.48 0.02 -8.14
N ILE A 298 -16.68 -0.50 -7.22
CA ILE A 298 -15.76 0.31 -6.42
C ILE A 298 -14.77 1.06 -7.31
N LEU A 299 -14.18 0.31 -8.25
CA LEU A 299 -13.18 0.82 -9.15
C LEU A 299 -13.74 1.66 -10.31
N GLU A 300 -14.98 1.41 -10.71
CA GLU A 300 -15.58 2.11 -11.85
C GLU A 300 -15.33 3.63 -11.92
N PRO A 301 -15.69 4.38 -10.87
CA PRO A 301 -15.42 5.82 -10.96
C PRO A 301 -13.94 6.20 -11.12
N ILE A 302 -13.01 5.38 -10.60
CA ILE A 302 -11.55 5.55 -10.83
C ILE A 302 -11.15 5.27 -12.29
N ARG A 303 -11.57 4.12 -12.81
CA ARG A 303 -11.23 3.74 -14.20
C ARG A 303 -11.87 4.67 -15.22
N LYS A 304 -13.08 5.14 -14.93
CA LYS A 304 -13.80 6.03 -15.83
C LYS A 304 -13.15 7.40 -15.76
N ARG A 305 -12.88 7.86 -14.54
CA ARG A 305 -12.16 9.11 -14.33
C ARG A 305 -10.79 9.10 -15.02
N LEU A 306 -10.17 7.94 -15.14
CA LEU A 306 -8.95 7.80 -15.94
C LEU A 306 -9.22 7.69 -17.44
N LEU A 307 -10.50 7.52 -17.80
CA LEU A 307 -10.96 7.41 -19.20
C LEU A 307 -10.29 6.25 -19.97
#